data_5YOW
#
_entry.id   5YOW
#
_cell.length_a   117.875
_cell.length_b   117.875
_cell.length_c   117.875
_cell.angle_alpha   90.00
_cell.angle_beta   90.00
_cell.angle_gamma   90.00
#
_symmetry.space_group_name_H-M   'P 21 3'
#
loop_
_entity.id
_entity.type
_entity.pdbx_description
1 polymer 'Glycoprotein polyprotein'
2 branched alpha-L-fucopyranose-(1-3)-[2-acetamido-2-deoxy-beta-D-glucopyranose-(1-4)][alpha-L-fucopyranose-(1-6)]2-acetamido-2-deoxy-beta-D-glucopyranose
3 water water
#
_entity_poly.entity_id   1
_entity_poly.type   'polypeptide(L)'
_entity_poly.pdbx_seq_one_letter_code
;IQCDELVHAESKSITCKSASGNEKECSVTGRALLPAVNPGQEACLHFSMPGSPDSKCLKIKVKSINLRCKQASSYYVPEA
KARCTSVRRCRWAGDCQSGCPTYFSSNSFSDDWANRMDRAGLGMSGCSDGCGGAACGCFNAAPSCIFWRKWVENPSNRVW
KVSPCASWVLAAIIELTLPSGEVKTLEPVTGQATQMFKGVAITYLGSSIEIVGMTRLCEMKEMGTGIMALAPCNDPGHAI
MGNVGEIQCSSIESAKHIRSDGCIWNADLVGIELRVDDAVCFSKLTSVEAVANFSKIPAIISGVRFDQGNHGESRIYGSP
LDITKVSGEFSVSFRGMRLKLSEISASCTGEITNVSGCYSCMTGASVSIKLHSSKNTTGHLKCDSDETAFSVMEGTHTYR
PHMSFDKAVVDEECVLNCGGHSSKLLLKGSLVFM
;
_entity_poly.pdbx_strand_id   A
#
loop_
_chem_comp.id
_chem_comp.type
_chem_comp.name
_chem_comp.formula
FUC L-saccharide, alpha linking alpha-L-fucopyranose 'C6 H12 O5'
NAG D-saccharide, beta linking 2-acetamido-2-deoxy-beta-D-glucopyranose 'C8 H15 N O6'
#
# COMPACT_ATOMS: atom_id res chain seq x y z
N GLN A 2 -3.42 -3.80 32.89
CA GLN A 2 -2.50 -4.42 31.92
C GLN A 2 -1.00 -4.35 32.34
N CYS A 3 -0.51 -3.14 32.65
CA CYS A 3 0.66 -2.97 33.51
C CYS A 3 1.94 -3.53 32.87
N ASP A 4 2.24 -3.06 31.66
CA ASP A 4 3.50 -3.43 31.05
C ASP A 4 4.65 -2.63 31.66
N GLU A 5 5.83 -3.25 31.70
CA GLU A 5 7.04 -2.56 32.10
C GLU A 5 7.51 -1.68 30.94
N LEU A 6 7.32 -0.37 31.06
CA LEU A 6 7.63 0.55 29.97
C LEU A 6 8.37 1.80 30.40
N VAL A 7 8.34 2.19 31.66
CA VAL A 7 9.04 3.39 32.11
C VAL A 7 10.48 2.98 32.39
N HIS A 8 11.42 3.46 31.58
CA HIS A 8 12.79 3.04 31.75
C HIS A 8 13.70 4.16 32.25
N ALA A 9 13.15 5.35 32.51
CA ALA A 9 13.89 6.33 33.30
C ALA A 9 12.90 7.17 34.10
N GLU A 10 13.31 7.55 35.31
CA GLU A 10 12.54 8.43 36.16
C GLU A 10 13.50 9.42 36.81
N SER A 11 13.21 10.71 36.68
CA SER A 11 14.18 11.71 37.06
C SER A 11 13.47 12.82 37.83
N LYS A 12 14.27 13.65 38.46
CA LYS A 12 13.80 14.82 39.20
C LYS A 12 14.73 15.95 38.78
N SER A 13 14.25 16.86 37.95
CA SER A 13 15.07 17.98 37.53
C SER A 13 14.49 19.26 38.09
N ILE A 14 15.36 20.27 38.18
CA ILE A 14 14.96 21.62 38.52
C ILE A 14 14.71 22.37 37.22
N THR A 15 13.50 22.89 37.06
CA THR A 15 13.17 23.66 35.88
C THR A 15 12.76 25.07 36.29
N CYS A 16 13.17 26.04 35.49
CA CYS A 16 13.09 27.46 35.82
C CYS A 16 12.36 28.22 34.72
N LYS A 17 11.66 29.26 35.14
CA LYS A 17 10.98 30.20 34.26
C LYS A 17 11.67 31.56 34.36
N SER A 18 11.92 32.18 33.22
CA SER A 18 12.56 33.50 33.14
C SER A 18 13.76 33.66 34.07
N GLU A 23 14.43 38.07 38.33
CA GLU A 23 15.02 36.93 39.03
C GLU A 23 14.78 35.61 38.27
N LYS A 24 14.07 34.69 38.91
CA LYS A 24 13.86 33.34 38.41
C LYS A 24 12.82 32.65 39.30
N GLU A 25 12.09 31.72 38.71
CA GLU A 25 11.11 30.90 39.42
C GLU A 25 11.48 29.45 39.11
N CYS A 26 12.11 28.75 40.06
CA CYS A 26 12.61 27.40 39.82
C CYS A 26 11.86 26.42 40.72
N SER A 27 11.52 25.26 40.16
CA SER A 27 10.84 24.22 40.93
C SER A 27 11.24 22.85 40.40
N VAL A 28 10.87 21.84 41.14
CA VAL A 28 11.22 20.45 40.87
C VAL A 28 10.14 19.84 39.96
N THR A 29 10.58 19.24 38.86
CA THR A 29 9.70 18.52 37.96
C THR A 29 10.10 17.05 37.95
N GLY A 30 9.15 16.17 38.26
CA GLY A 30 9.36 14.75 38.01
C GLY A 30 9.16 14.48 36.53
N ARG A 31 9.98 13.58 35.97
CA ARG A 31 9.84 13.19 34.58
C ARG A 31 10.09 11.71 34.40
N ALA A 32 9.23 11.06 33.61
CA ALA A 32 9.30 9.63 33.36
C ALA A 32 9.39 9.41 31.86
N LEU A 33 10.40 8.67 31.44
CA LEU A 33 10.64 8.43 30.03
C LEU A 33 10.24 7.01 29.66
N LEU A 34 9.45 6.88 28.59
CA LEU A 34 9.03 5.61 28.02
C LEU A 34 9.66 5.57 26.66
N PRO A 35 10.85 4.99 26.52
CA PRO A 35 11.60 5.10 25.25
C PRO A 35 10.94 4.37 24.08
N ALA A 36 10.20 3.28 24.30
CA ALA A 36 9.77 2.42 23.20
C ALA A 36 8.51 1.66 23.63
N VAL A 37 7.37 2.00 23.05
CA VAL A 37 6.13 1.33 23.37
C VAL A 37 5.59 0.76 22.06
N ASN A 38 5.39 -0.56 22.01
CA ASN A 38 4.84 -1.22 20.84
C ASN A 38 3.32 -1.17 20.87
N PRO A 39 2.70 -1.19 19.68
CA PRO A 39 1.24 -1.28 19.61
C PRO A 39 0.71 -2.42 20.48
N GLY A 40 -0.41 -2.15 21.16
CA GLY A 40 -0.98 -3.06 22.11
C GLY A 40 -0.45 -2.92 23.51
N GLN A 41 0.71 -2.29 23.71
CA GLN A 41 1.26 -2.23 25.06
C GLN A 41 0.70 -1.03 25.80
N GLU A 42 0.63 -1.14 27.14
CA GLU A 42 0.07 -0.09 27.96
C GLU A 42 0.79 -0.01 29.30
N ALA A 43 1.15 1.19 29.71
CA ALA A 43 1.77 1.41 31.02
C ALA A 43 0.72 1.93 32.00
N CYS A 44 1.00 1.73 33.30
CA CYS A 44 0.09 2.18 34.35
C CYS A 44 0.92 2.95 35.37
N LEU A 45 0.66 4.26 35.47
CA LEU A 45 1.47 5.17 36.28
C LEU A 45 0.60 5.69 37.42
N HIS A 46 1.06 5.47 38.65
CA HIS A 46 0.31 5.86 39.84
C HIS A 46 0.97 7.09 40.44
N PHE A 47 0.19 8.16 40.60
CA PHE A 47 0.68 9.40 41.17
C PHE A 47 0.04 9.59 42.55
N SER A 48 0.85 9.91 43.54
CA SER A 48 0.36 10.19 44.87
C SER A 48 0.98 11.49 45.36
N MET A 49 0.17 12.34 45.90
CA MET A 49 0.84 13.46 46.53
C MET A 49 1.34 13.03 47.90
N PRO A 50 2.40 13.68 48.42
CA PRO A 50 2.93 13.32 49.74
C PRO A 50 1.88 13.06 50.81
N GLY A 51 0.79 13.84 50.82
CA GLY A 51 -0.30 13.57 51.74
C GLY A 51 -1.09 12.31 51.40
N SER A 52 -1.22 12.00 50.09
CA SER A 52 -1.80 10.75 49.58
C SER A 52 -3.30 10.71 49.87
N PRO A 53 -4.05 9.65 49.50
CA PRO A 53 -3.91 8.21 49.21
C PRO A 53 -3.14 7.85 47.95
N ASP A 54 -3.86 7.48 46.90
CA ASP A 54 -3.24 7.20 45.61
C ASP A 54 -4.29 7.19 44.52
N SER A 55 -4.01 7.90 43.43
CA SER A 55 -4.93 7.92 42.31
C SER A 55 -5.02 6.55 41.64
N LYS A 56 -6.16 6.28 41.02
CA LYS A 56 -6.18 5.31 39.94
C LYS A 56 -5.13 5.71 38.90
N CYS A 57 -4.69 4.76 38.09
CA CYS A 57 -3.49 5.17 37.39
C CYS A 57 -3.80 5.91 36.10
N LEU A 58 -2.79 6.62 35.64
CA LEU A 58 -2.74 7.13 34.28
C LEU A 58 -2.30 6.00 33.37
N LYS A 59 -3.12 5.66 32.39
CA LYS A 59 -2.77 4.57 31.48
C LYS A 59 -2.37 5.17 30.13
N ILE A 60 -1.27 4.68 29.59
CA ILE A 60 -0.72 5.15 28.34
C ILE A 60 -0.56 3.92 27.46
N LYS A 61 -1.35 3.84 26.40
CA LYS A 61 -1.30 2.71 25.48
C LYS A 61 -1.06 3.22 24.06
N VAL A 62 -0.22 2.52 23.30
CA VAL A 62 -0.11 2.74 21.86
C VAL A 62 -1.14 1.83 21.17
N LYS A 63 -2.16 2.42 20.54
CA LYS A 63 -3.12 1.59 19.83
C LYS A 63 -2.55 1.10 18.50
N SER A 64 -1.91 1.99 17.76
CA SER A 64 -1.34 1.60 16.49
C SER A 64 -0.33 2.63 16.03
N ILE A 65 0.63 2.17 15.25
CA ILE A 65 1.57 3.03 14.53
C ILE A 65 1.51 2.61 13.08
N ASN A 66 0.92 3.47 12.25
CA ASN A 66 0.56 3.12 10.89
C ASN A 66 1.37 3.91 9.89
N LEU A 67 1.41 3.38 8.67
CA LEU A 67 2.08 3.99 7.54
C LEU A 67 1.04 4.68 6.66
N ARG A 68 1.18 6.00 6.46
CA ARG A 68 0.28 6.75 5.59
C ARG A 68 0.97 7.08 4.28
N CYS A 69 0.24 6.93 3.19
CA CYS A 69 0.79 7.10 1.85
C CYS A 69 0.96 8.60 1.56
N LYS A 70 2.19 9.02 1.26
CA LYS A 70 2.45 10.38 0.80
C LYS A 70 2.55 10.32 -0.73
N GLN A 71 1.57 10.91 -1.40
CA GLN A 71 1.39 10.67 -2.83
C GLN A 71 2.36 11.48 -3.71
N ALA A 72 2.80 10.86 -4.80
CA ALA A 72 3.30 11.62 -5.94
C ALA A 72 2.12 12.28 -6.68
N SER A 73 2.40 12.89 -7.83
CA SER A 73 1.32 13.37 -8.69
C SER A 73 0.45 12.19 -9.15
N SER A 74 -0.84 12.46 -9.35
CA SER A 74 -1.81 11.46 -9.82
C SER A 74 -1.98 11.48 -11.35
N TYR A 75 -2.57 10.40 -11.86
CA TYR A 75 -3.04 10.34 -13.25
C TYR A 75 -4.18 9.34 -13.32
N TYR A 76 -4.83 9.28 -14.48
CA TYR A 76 -5.97 8.39 -14.71
C TYR A 76 -5.64 7.35 -15.78
N VAL A 77 -6.14 6.13 -15.62
CA VAL A 77 -5.85 5.10 -16.59
C VAL A 77 -7.14 4.47 -17.06
N PRO A 78 -7.23 4.13 -18.34
CA PRO A 78 -8.41 3.43 -18.87
C PRO A 78 -8.21 1.92 -18.84
N GLU A 79 -9.32 1.20 -18.98
CA GLU A 79 -9.26 -0.22 -19.36
C GLU A 79 -9.22 -0.25 -20.88
N ALA A 80 -8.02 -0.30 -21.42
CA ALA A 80 -7.78 -0.06 -22.84
C ALA A 80 -7.88 -1.35 -23.62
N LYS A 81 -8.40 -1.23 -24.84
CA LYS A 81 -8.51 -2.33 -25.79
C LYS A 81 -7.90 -1.91 -27.13
N ALA A 82 -7.14 -2.82 -27.74
CA ALA A 82 -6.43 -2.57 -28.98
C ALA A 82 -7.38 -2.69 -30.18
N ARG A 83 -7.23 -1.77 -31.13
CA ARG A 83 -7.96 -1.83 -32.40
C ARG A 83 -7.03 -1.51 -33.56
N CYS A 84 -7.35 -2.05 -34.74
CA CYS A 84 -6.60 -1.84 -35.97
C CYS A 84 -7.58 -1.72 -37.12
N THR A 85 -7.23 -0.91 -38.13
CA THR A 85 -7.95 -0.95 -39.39
C THR A 85 -7.01 -0.60 -40.53
N SER A 86 -7.42 -0.95 -41.74
CA SER A 86 -6.68 -0.57 -42.93
C SER A 86 -7.64 -0.56 -44.10
N VAL A 87 -7.28 0.24 -45.11
CA VAL A 87 -7.94 0.21 -46.42
C VAL A 87 -6.84 0.42 -47.45
N ARG A 88 -6.96 -0.28 -48.58
CA ARG A 88 -5.99 -0.23 -49.65
C ARG A 88 -6.62 0.44 -50.86
N ARG A 89 -5.91 1.38 -51.47
CA ARG A 89 -6.39 2.06 -52.68
C ARG A 89 -5.35 1.89 -53.77
N CYS A 90 -5.79 1.50 -54.95
CA CYS A 90 -4.88 1.33 -56.06
C CYS A 90 -4.21 2.65 -56.39
N ARG A 91 -3.05 2.57 -57.03
CA ARG A 91 -2.42 3.81 -57.48
C ARG A 91 -3.32 4.46 -58.53
N TRP A 92 -3.48 5.78 -58.40
CA TRP A 92 -4.37 6.67 -59.17
C TRP A 92 -5.80 6.66 -58.63
N ALA A 93 -6.11 5.88 -57.59
CA ALA A 93 -7.42 5.92 -56.97
C ALA A 93 -7.37 6.66 -55.64
N GLY A 94 -8.39 7.47 -55.38
CA GLY A 94 -8.53 8.09 -54.06
C GLY A 94 -7.37 9.02 -53.75
N ASP A 95 -6.89 8.95 -52.51
CA ASP A 95 -5.71 9.74 -52.14
C ASP A 95 -4.47 9.28 -52.87
N CYS A 96 -4.42 8.01 -53.27
CA CYS A 96 -3.22 7.38 -53.81
C CYS A 96 -2.91 7.83 -55.23
N GLN A 97 -3.07 9.13 -55.48
CA GLN A 97 -2.91 9.64 -56.83
C GLN A 97 -1.48 9.41 -57.35
N SER A 98 -0.50 9.35 -56.46
CA SER A 98 0.89 9.25 -56.88
C SER A 98 1.73 8.50 -55.84
N GLY A 99 1.15 7.47 -55.24
CA GLY A 99 1.75 6.80 -54.09
C GLY A 99 1.19 7.36 -52.80
N CYS A 100 1.81 6.98 -51.68
CA CYS A 100 1.35 7.48 -50.39
C CYS A 100 1.45 8.99 -50.37
N PRO A 101 0.39 9.71 -50.02
CA PRO A 101 0.50 11.16 -49.98
C PRO A 101 1.40 11.60 -48.84
N THR A 102 2.21 12.63 -49.13
CA THR A 102 3.25 13.03 -48.20
C THR A 102 2.67 13.45 -46.85
N TYR A 103 1.50 14.09 -46.83
CA TYR A 103 0.96 14.56 -45.56
C TYR A 103 0.46 13.42 -44.66
N PHE A 104 0.24 12.21 -45.18
CA PHE A 104 -0.49 11.23 -44.41
C PHE A 104 0.45 10.63 -43.40
N SER A 105 0.21 10.91 -42.13
CA SER A 105 1.19 10.65 -41.08
C SER A 105 0.43 10.17 -39.84
N SER A 106 1.06 10.25 -38.66
CA SER A 106 0.52 9.46 -37.55
C SER A 106 -0.78 10.01 -37.02
N ASN A 107 -1.12 11.26 -37.33
CA ASN A 107 -2.39 11.84 -36.88
C ASN A 107 -3.41 11.93 -37.99
N SER A 108 -3.16 11.28 -39.12
CA SER A 108 -4.04 11.40 -40.27
C SER A 108 -5.14 10.35 -40.23
N PHE A 109 -6.29 10.72 -40.77
CA PHE A 109 -7.43 9.81 -40.82
C PHE A 109 -7.90 9.70 -42.27
N SER A 110 -8.09 8.48 -42.74
CA SER A 110 -8.67 8.25 -44.06
C SER A 110 -10.19 8.21 -43.94
N ASP A 111 -10.87 8.96 -44.80
CA ASP A 111 -12.31 8.84 -44.94
C ASP A 111 -12.73 7.46 -45.44
N ASP A 112 -11.82 6.71 -46.04
CA ASP A 112 -12.19 5.40 -46.55
C ASP A 112 -12.32 4.35 -45.45
N TRP A 113 -12.05 4.71 -44.20
CA TRP A 113 -11.94 3.71 -43.14
C TRP A 113 -13.31 3.26 -42.66
N ALA A 114 -13.38 1.97 -42.29
CA ALA A 114 -14.62 1.32 -41.87
C ALA A 114 -14.83 1.34 -40.36
N ASN A 115 -13.79 1.09 -39.58
CA ASN A 115 -13.95 0.75 -38.17
C ASN A 115 -14.22 1.99 -37.31
N ARG A 116 -14.30 1.78 -36.00
CA ARG A 116 -14.50 2.81 -34.99
C ARG A 116 -13.42 3.88 -35.08
N MET A 117 -13.70 5.06 -35.62
CA MET A 117 -12.65 6.08 -35.63
C MET A 117 -13.12 7.35 -34.97
N ASP A 118 -13.02 7.38 -33.65
CA ASP A 118 -12.93 8.62 -32.90
C ASP A 118 -11.66 9.33 -33.35
N ARG A 119 -11.81 10.42 -34.11
CA ARG A 119 -10.65 11.16 -34.58
C ARG A 119 -9.92 11.87 -33.47
N ALA A 120 -10.46 11.85 -32.26
CA ALA A 120 -9.81 12.44 -31.10
C ALA A 120 -9.08 11.40 -30.25
N GLY A 121 -9.16 10.12 -30.62
CA GLY A 121 -8.56 9.09 -29.81
C GLY A 121 -7.07 8.99 -29.97
N LEU A 122 -6.45 8.39 -28.95
CA LEU A 122 -5.03 8.11 -28.96
C LEU A 122 -4.71 6.96 -29.93
N GLY A 123 -3.70 7.14 -30.76
CA GLY A 123 -3.34 6.10 -31.71
C GLY A 123 -2.31 6.59 -32.71
N MET A 124 -2.07 5.74 -33.70
CA MET A 124 -1.04 6.05 -34.69
C MET A 124 -1.47 5.56 -36.06
N SER A 125 -1.49 6.48 -37.02
CA SER A 125 -1.83 6.19 -38.40
C SER A 125 -0.59 6.14 -39.26
N GLY A 126 -0.75 5.64 -40.49
CA GLY A 126 0.30 5.82 -41.47
C GLY A 126 -0.19 5.31 -42.82
N CYS A 127 0.68 5.43 -43.84
CA CYS A 127 0.35 4.68 -45.03
C CYS A 127 1.61 4.07 -45.61
N SER A 128 1.39 2.92 -46.22
CA SER A 128 2.42 1.97 -46.59
C SER A 128 2.15 1.59 -48.03
N ASP A 129 3.19 1.11 -48.70
CA ASP A 129 3.02 0.59 -50.03
C ASP A 129 2.40 -0.79 -49.97
N GLY A 130 1.46 -1.06 -50.88
CA GLY A 130 0.89 -2.37 -51.06
C GLY A 130 1.16 -2.84 -52.48
N CYS A 131 0.88 -4.11 -52.74
CA CYS A 131 1.14 -4.62 -54.08
C CYS A 131 0.13 -4.08 -55.07
N GLY A 132 0.58 -3.86 -56.30
CA GLY A 132 -0.26 -3.37 -57.37
C GLY A 132 -0.55 -4.45 -58.39
N GLY A 133 -1.10 -4.00 -59.53
CA GLY A 133 -1.31 -4.90 -60.63
C GLY A 133 -2.52 -5.81 -60.47
N ALA A 134 -2.85 -6.48 -61.58
CA ALA A 134 -4.01 -7.37 -61.62
C ALA A 134 -3.93 -8.44 -60.52
N ALA A 135 -2.73 -8.93 -60.24
CA ALA A 135 -2.55 -9.95 -59.20
C ALA A 135 -3.09 -9.49 -57.87
N CYS A 136 -3.06 -8.18 -57.60
CA CYS A 136 -3.61 -7.61 -56.37
C CYS A 136 -4.82 -6.73 -56.64
N GLY A 137 -5.55 -7.00 -57.73
CA GLY A 137 -6.82 -6.34 -57.94
C GLY A 137 -6.75 -4.91 -58.43
N CYS A 138 -5.65 -4.50 -59.04
CA CYS A 138 -5.47 -3.13 -59.45
C CYS A 138 -5.10 -3.09 -60.92
N PHE A 139 -5.65 -2.10 -61.65
CA PHE A 139 -5.26 -1.91 -63.04
C PHE A 139 -3.82 -1.44 -63.13
N ASN A 140 -3.48 -0.39 -62.39
CA ASN A 140 -2.13 0.15 -62.40
C ASN A 140 -1.16 -0.80 -61.69
N ALA A 141 -0.02 -1.08 -62.32
CA ALA A 141 0.89 -2.07 -61.79
C ALA A 141 1.80 -1.52 -60.71
N ALA A 142 1.89 -0.19 -60.58
CA ALA A 142 2.70 0.42 -59.53
C ALA A 142 2.10 0.09 -58.15
N PRO A 143 2.88 0.28 -57.09
CA PRO A 143 2.38 -0.08 -55.74
C PRO A 143 1.12 0.68 -55.36
N SER A 144 0.20 -0.01 -54.68
CA SER A 144 -0.99 0.59 -54.13
C SER A 144 -0.65 1.27 -52.81
N CYS A 145 -1.64 1.93 -52.19
CA CYS A 145 -1.49 2.58 -50.90
C CYS A 145 -2.30 1.82 -49.85
N ILE A 146 -1.71 1.57 -48.69
CA ILE A 146 -2.45 1.02 -47.56
C ILE A 146 -2.51 2.08 -46.48
N PHE A 147 -3.69 2.65 -46.27
CA PHE A 147 -3.90 3.62 -45.21
C PHE A 147 -4.36 2.86 -43.96
N TRP A 148 -3.64 3.01 -42.85
CA TRP A 148 -3.90 2.17 -41.69
C TRP A 148 -3.83 2.98 -40.41
N ARG A 149 -4.46 2.45 -39.36
CA ARG A 149 -4.30 3.01 -38.03
C ARG A 149 -4.41 1.91 -36.97
N LYS A 150 -3.58 2.01 -35.95
CA LYS A 150 -3.74 1.23 -34.73
C LYS A 150 -3.99 2.20 -33.59
N TRP A 151 -4.94 1.87 -32.71
CA TRP A 151 -5.29 2.78 -31.64
C TRP A 151 -5.82 1.99 -30.44
N VAL A 152 -6.16 2.71 -29.38
CA VAL A 152 -6.73 2.11 -28.18
C VAL A 152 -8.04 2.80 -27.88
N GLU A 153 -9.02 2.03 -27.47
CA GLU A 153 -10.27 2.60 -27.00
C GLU A 153 -10.59 2.00 -25.64
N ASN A 154 -11.58 2.62 -24.99
CA ASN A 154 -12.05 2.26 -23.66
C ASN A 154 -13.55 1.96 -23.74
N PRO A 155 -13.93 0.80 -24.28
CA PRO A 155 -15.37 0.51 -24.45
C PRO A 155 -16.14 0.45 -23.14
N SER A 156 -15.52 0.01 -22.04
CA SER A 156 -16.25 -0.09 -20.78
C SER A 156 -16.38 1.24 -20.06
N ASN A 157 -15.65 2.29 -20.49
CA ASN A 157 -15.62 3.60 -19.86
C ASN A 157 -15.07 3.55 -18.43
N ARG A 158 -14.48 2.43 -18.04
CA ARG A 158 -13.91 2.28 -16.71
C ARG A 158 -12.57 2.99 -16.60
N VAL A 159 -12.39 3.72 -15.50
CA VAL A 159 -11.23 4.59 -15.27
C VAL A 159 -10.79 4.42 -13.83
N TRP A 160 -9.47 4.36 -13.60
CA TRP A 160 -8.91 4.40 -12.26
C TRP A 160 -8.08 5.66 -12.08
N LYS A 161 -8.26 6.31 -10.95
CA LYS A 161 -7.28 7.29 -10.49
C LYS A 161 -6.13 6.55 -9.83
N VAL A 162 -4.92 6.87 -10.25
CA VAL A 162 -3.70 6.19 -9.81
C VAL A 162 -2.86 7.25 -9.10
N SER A 163 -2.48 6.99 -7.86
CA SER A 163 -1.64 7.93 -7.11
C SER A 163 -0.45 7.18 -6.54
N PRO A 164 0.71 7.25 -7.16
CA PRO A 164 1.88 6.59 -6.62
C PRO A 164 2.13 7.09 -5.20
N CYS A 165 2.61 6.19 -4.34
CA CYS A 165 3.00 6.57 -2.98
C CYS A 165 4.49 6.88 -3.01
N ALA A 166 4.84 8.18 -3.03
CA ALA A 166 6.26 8.56 -3.07
C ALA A 166 6.99 8.14 -1.80
N SER A 167 6.31 8.12 -0.66
CA SER A 167 6.85 7.55 0.56
C SER A 167 5.69 7.32 1.50
N TRP A 168 5.98 6.63 2.58
CA TRP A 168 5.02 6.39 3.63
C TRP A 168 5.53 7.07 4.90
N VAL A 169 4.62 7.67 5.65
CA VAL A 169 4.96 8.43 6.85
C VAL A 169 4.26 7.78 8.03
N LEU A 170 4.95 7.71 9.16
CA LEU A 170 4.36 7.08 10.34
C LEU A 170 3.31 8.01 10.94
N ALA A 171 2.25 7.43 11.48
CA ALA A 171 1.20 8.16 12.18
C ALA A 171 0.70 7.29 13.32
N ALA A 172 0.76 7.84 14.53
CA ALA A 172 0.48 7.12 15.75
C ALA A 172 -0.93 7.39 16.22
N ILE A 173 -1.56 6.37 16.77
CA ILE A 173 -2.79 6.54 17.53
C ILE A 173 -2.54 5.99 18.93
N ILE A 174 -2.78 6.83 19.94
CA ILE A 174 -2.56 6.45 21.32
C ILE A 174 -3.90 6.51 22.03
N GLU A 175 -3.96 5.80 23.16
CA GLU A 175 -5.15 5.77 24.00
C GLU A 175 -4.69 6.05 25.43
N LEU A 176 -5.25 7.07 26.03
CA LEU A 176 -4.89 7.47 27.38
C LEU A 176 -6.11 7.28 28.27
N THR A 177 -5.89 6.75 29.47
CA THR A 177 -6.94 6.66 30.47
C THR A 177 -6.48 7.50 31.64
N LEU A 178 -7.22 8.59 31.91
CA LEU A 178 -6.87 9.44 33.04
C LEU A 178 -7.37 8.82 34.34
N PRO A 179 -6.78 9.20 35.47
CA PRO A 179 -7.23 8.63 36.76
C PRO A 179 -8.73 8.81 37.00
N SER A 180 -9.32 9.87 36.46
CA SER A 180 -10.76 10.03 36.47
C SER A 180 -11.50 8.93 35.73
N GLY A 181 -10.81 8.13 34.92
CA GLY A 181 -11.47 7.15 34.08
C GLY A 181 -11.80 7.61 32.68
N GLU A 182 -11.57 8.88 32.33
CA GLU A 182 -11.81 9.31 30.95
C GLU A 182 -10.80 8.67 30.00
N VAL A 183 -11.31 8.09 28.92
CA VAL A 183 -10.50 7.48 27.88
C VAL A 183 -10.40 8.47 26.73
N LYS A 184 -9.18 8.71 26.25
CA LYS A 184 -8.95 9.63 25.15
C LYS A 184 -8.18 8.88 24.08
N THR A 185 -8.72 8.83 22.88
CA THR A 185 -8.06 8.18 21.76
C THR A 185 -7.74 9.26 20.74
N LEU A 186 -6.45 9.38 20.38
CA LEU A 186 -6.08 10.53 19.58
C LEU A 186 -4.75 10.27 18.88
N GLU A 187 -4.55 10.98 17.80
CA GLU A 187 -3.22 11.15 17.26
C GLU A 187 -2.57 12.29 18.02
N PRO A 188 -1.47 12.05 18.74
CA PRO A 188 -0.86 13.12 19.52
C PRO A 188 -0.09 14.08 18.61
N VAL A 189 0.22 15.24 19.18
CA VAL A 189 1.03 16.26 18.53
C VAL A 189 2.48 16.00 18.92
N THR A 190 3.29 15.54 17.96
CA THR A 190 4.67 15.17 18.28
C THR A 190 5.44 16.35 18.87
N GLY A 191 6.10 16.11 20.00
CA GLY A 191 7.01 17.09 20.55
C GLY A 191 6.37 18.18 21.38
N GLN A 192 5.05 18.18 21.55
CA GLN A 192 4.39 19.22 22.34
C GLN A 192 3.85 18.62 23.63
N ALA A 193 4.33 19.14 24.76
CA ALA A 193 3.85 18.76 26.07
C ALA A 193 2.37 19.11 26.18
N THR A 194 1.54 18.13 26.54
CA THR A 194 0.11 18.34 26.61
C THR A 194 -0.34 18.12 28.05
N GLN A 195 -0.90 19.16 28.65
CA GLN A 195 -1.37 19.06 30.03
C GLN A 195 -2.58 18.15 30.08
N MET A 196 -2.53 17.12 30.93
CA MET A 196 -3.57 16.10 30.97
C MET A 196 -4.52 16.26 32.15
N PHE A 197 -3.97 16.46 33.34
CA PHE A 197 -4.73 16.71 34.55
C PHE A 197 -3.77 17.40 35.50
N LYS A 198 -4.28 17.76 36.68
CA LYS A 198 -3.53 18.57 37.63
C LYS A 198 -2.10 18.05 37.85
N GLY A 199 -1.12 18.88 37.47
CA GLY A 199 0.27 18.57 37.68
C GLY A 199 0.92 17.63 36.66
N VAL A 200 0.17 17.06 35.72
CA VAL A 200 0.70 16.02 34.83
C VAL A 200 0.51 16.44 33.38
N ALA A 201 1.60 16.31 32.60
CA ALA A 201 1.61 16.55 31.18
C ALA A 201 2.30 15.39 30.50
N ILE A 202 1.95 15.15 29.25
CA ILE A 202 2.55 14.09 28.46
C ILE A 202 3.05 14.66 27.14
N THR A 203 4.26 14.26 26.74
CA THR A 203 4.82 14.60 25.43
C THR A 203 4.97 13.31 24.63
N TYR A 204 4.39 13.28 23.43
CA TYR A 204 4.74 12.21 22.47
C TYR A 204 5.99 12.63 21.71
N LEU A 205 7.06 11.84 21.82
CA LEU A 205 8.33 12.24 21.26
C LEU A 205 8.60 11.64 19.87
N GLY A 206 7.68 10.89 19.29
CA GLY A 206 7.87 10.42 17.93
C GLY A 206 7.71 8.91 17.81
N SER A 207 7.64 8.46 16.57
CA SER A 207 7.51 7.06 16.21
C SER A 207 8.74 6.63 15.45
N SER A 208 9.01 5.32 15.51
CA SER A 208 10.17 4.72 14.87
C SER A 208 9.74 3.40 14.25
N ILE A 209 10.40 3.00 13.17
CA ILE A 209 10.05 1.75 12.50
C ILE A 209 11.33 1.08 12.04
N GLU A 210 11.33 -0.25 12.11
CA GLU A 210 12.47 -1.08 11.76
C GLU A 210 12.39 -1.63 10.33
N ILE A 211 11.46 -1.13 9.51
CA ILE A 211 11.26 -1.59 8.13
C ILE A 211 11.81 -0.54 7.19
N VAL A 212 12.76 -0.93 6.34
CA VAL A 212 13.56 -0.03 5.51
C VAL A 212 13.18 -0.20 4.04
N GLY A 213 12.97 0.91 3.35
CA GLY A 213 12.88 0.91 1.90
C GLY A 213 11.85 0.03 1.21
N MET A 214 10.57 0.25 1.52
CA MET A 214 9.50 -0.57 0.97
C MET A 214 9.39 -0.40 -0.55
N THR A 215 8.79 -1.41 -1.16
CA THR A 215 8.58 -1.46 -2.61
C THR A 215 7.52 -0.44 -3.03
N ARG A 216 7.71 0.11 -4.22
CA ARG A 216 6.85 1.20 -4.66
C ARG A 216 5.45 0.68 -4.96
N LEU A 217 4.48 1.27 -4.30
CA LEU A 217 3.07 0.93 -4.44
C LEU A 217 2.28 2.19 -4.75
N CYS A 218 1.13 2.00 -5.40
CA CYS A 218 0.34 3.14 -5.84
C CYS A 218 -1.10 2.89 -5.49
N GLU A 219 -1.78 3.93 -5.01
CA GLU A 219 -3.20 3.80 -4.77
C GLU A 219 -3.92 3.82 -6.11
N MET A 220 -4.92 2.97 -6.22
CA MET A 220 -5.78 2.94 -7.38
C MET A 220 -7.20 3.05 -6.89
N LYS A 221 -7.99 3.92 -7.51
CA LYS A 221 -9.39 4.05 -7.14
C LYS A 221 -10.22 4.03 -8.42
N GLU A 222 -11.09 3.05 -8.55
CA GLU A 222 -11.94 3.04 -9.74
C GLU A 222 -12.98 4.14 -9.62
N MET A 223 -13.01 5.04 -10.59
CA MET A 223 -13.92 6.17 -10.54
C MET A 223 -15.36 5.72 -10.71
N GLY A 224 -16.26 6.41 -10.01
CA GLY A 224 -17.65 6.02 -10.05
C GLY A 224 -17.96 4.69 -9.43
N THR A 225 -16.99 4.00 -8.84
CA THR A 225 -17.24 2.90 -7.94
C THR A 225 -16.49 3.03 -6.62
N GLY A 226 -15.46 3.87 -6.55
CA GLY A 226 -14.72 4.12 -5.35
C GLY A 226 -13.92 2.96 -4.80
N ILE A 227 -13.99 1.78 -5.43
CA ILE A 227 -13.26 0.62 -4.94
C ILE A 227 -11.76 0.80 -5.18
N MET A 228 -10.97 0.44 -4.17
CA MET A 228 -9.57 0.78 -4.07
C MET A 228 -8.69 -0.45 -4.30
N ALA A 229 -7.48 -0.21 -4.76
CA ALA A 229 -6.47 -1.26 -4.86
C ALA A 229 -5.14 -0.62 -4.56
N LEU A 230 -4.14 -1.45 -4.33
CA LEU A 230 -2.80 -0.96 -4.01
C LEU A 230 -1.84 -1.81 -4.80
N ALA A 231 -1.12 -1.23 -5.77
CA ALA A 231 -0.35 -2.07 -6.69
C ALA A 231 0.75 -1.23 -7.30
N PRO A 232 1.78 -1.87 -7.86
CA PRO A 232 2.82 -1.11 -8.57
C PRO A 232 2.25 -0.35 -9.75
N CYS A 233 2.92 0.73 -10.14
CA CYS A 233 2.50 1.57 -11.26
C CYS A 233 3.70 2.37 -11.74
N ASN A 234 3.52 3.00 -12.91
CA ASN A 234 4.54 3.85 -13.50
C ASN A 234 4.58 5.23 -12.84
N ASP A 235 5.78 5.82 -12.84
CA ASP A 235 5.90 7.22 -12.47
C ASP A 235 5.07 8.08 -13.42
N PRO A 236 4.50 9.17 -12.92
CA PRO A 236 3.73 10.07 -13.79
C PRO A 236 4.61 10.59 -14.93
N GLY A 237 4.03 10.59 -16.13
CA GLY A 237 4.72 11.02 -17.32
C GLY A 237 5.63 9.99 -17.98
N HIS A 238 5.75 8.79 -17.42
CA HIS A 238 6.63 7.75 -17.98
C HIS A 238 5.76 6.55 -18.34
N ALA A 239 5.46 6.44 -19.63
CA ALA A 239 4.55 5.43 -20.19
C ALA A 239 5.33 4.17 -20.51
N ILE A 240 5.80 3.51 -19.47
CA ILE A 240 6.62 2.31 -19.64
C ILE A 240 5.69 1.12 -19.82
N MET A 241 5.94 0.34 -20.87
CA MET A 241 5.03 -0.74 -21.21
C MET A 241 5.13 -1.87 -20.17
N GLY A 242 3.99 -2.48 -19.85
CA GLY A 242 3.95 -3.60 -18.92
C GLY A 242 3.52 -3.27 -17.51
N ASN A 243 3.00 -2.07 -17.27
CA ASN A 243 2.64 -1.63 -15.94
C ASN A 243 1.33 -0.85 -16.03
N VAL A 244 0.57 -0.85 -14.93
CA VAL A 244 -0.42 0.20 -14.74
C VAL A 244 0.25 1.54 -14.97
N GLY A 245 -0.36 2.39 -15.79
CA GLY A 245 0.30 3.62 -16.15
C GLY A 245 1.09 3.53 -17.45
N GLU A 246 1.01 2.41 -18.15
CA GLU A 246 1.55 2.33 -19.50
C GLU A 246 0.77 3.26 -20.44
N ILE A 247 -0.48 3.56 -20.11
CA ILE A 247 -1.24 4.66 -20.68
C ILE A 247 -1.63 5.59 -19.54
N GLN A 248 -1.37 6.89 -19.69
CA GLN A 248 -1.69 7.84 -18.62
C GLN A 248 -2.49 9.00 -19.18
N CYS A 249 -3.52 9.40 -18.46
CA CYS A 249 -4.39 10.48 -18.89
C CYS A 249 -4.50 11.52 -17.78
N SER A 250 -4.76 12.76 -18.17
CA SER A 250 -4.77 13.88 -17.24
C SER A 250 -6.16 14.23 -16.74
N SER A 251 -7.19 13.48 -17.11
CA SER A 251 -8.52 13.70 -16.57
C SER A 251 -9.34 12.44 -16.72
N ILE A 252 -10.45 12.39 -15.98
CA ILE A 252 -11.36 11.25 -16.05
C ILE A 252 -11.92 11.11 -17.46
N GLU A 253 -12.43 12.20 -18.02
CA GLU A 253 -13.01 12.15 -19.37
C GLU A 253 -11.96 11.77 -20.40
N SER A 254 -10.75 12.27 -20.26
CA SER A 254 -9.70 11.90 -21.21
C SER A 254 -9.45 10.40 -21.18
N ALA A 255 -9.54 9.79 -19.99
CA ALA A 255 -9.32 8.36 -19.84
C ALA A 255 -10.52 7.55 -20.32
N LYS A 256 -11.73 8.09 -20.11
CA LYS A 256 -12.95 7.40 -20.53
C LYS A 256 -12.94 7.13 -22.03
N HIS A 257 -12.41 8.06 -22.81
CA HIS A 257 -12.40 7.95 -24.25
C HIS A 257 -10.99 7.91 -24.82
N ILE A 258 -9.98 7.66 -23.97
CA ILE A 258 -8.55 7.77 -24.27
C ILE A 258 -8.29 8.81 -25.37
N ARG A 259 -8.45 10.09 -25.02
CA ARG A 259 -8.24 11.17 -25.98
C ARG A 259 -6.76 11.36 -26.24
N SER A 260 -6.44 11.65 -27.50
CA SER A 260 -5.06 11.94 -27.87
C SER A 260 -4.51 13.16 -27.13
N ASP A 261 -5.34 14.17 -26.92
CA ASP A 261 -4.79 15.39 -26.36
C ASP A 261 -4.58 15.30 -24.85
N GLY A 262 -5.19 14.32 -24.19
CA GLY A 262 -5.06 14.21 -22.75
C GLY A 262 -4.36 12.98 -22.24
N CYS A 263 -3.87 12.11 -23.13
CA CYS A 263 -3.27 10.85 -22.75
C CYS A 263 -1.91 10.67 -23.42
N ILE A 264 -1.05 9.89 -22.77
CA ILE A 264 0.23 9.47 -23.36
C ILE A 264 0.30 7.95 -23.37
N TRP A 265 1.16 7.42 -24.23
CA TRP A 265 1.38 5.98 -24.30
C TRP A 265 2.66 5.72 -25.06
N ASN A 266 3.02 4.45 -25.17
CA ASN A 266 3.98 4.00 -26.18
C ASN A 266 3.18 3.24 -27.23
N ALA A 267 3.27 3.70 -28.48
CA ALA A 267 2.47 3.12 -29.54
C ALA A 267 2.82 1.65 -29.81
N ASP A 268 3.95 1.13 -29.32
CA ASP A 268 4.22 -0.31 -29.47
C ASP A 268 3.31 -1.17 -28.60
N LEU A 269 2.46 -0.57 -27.78
CA LEU A 269 1.49 -1.36 -27.03
C LEU A 269 0.53 -2.10 -27.96
N VAL A 270 0.40 -1.64 -29.21
CA VAL A 270 -0.47 -2.28 -30.20
C VAL A 270 0.39 -2.60 -31.43
N GLY A 271 0.28 -3.82 -31.92
CA GLY A 271 0.96 -4.22 -33.14
C GLY A 271 -0.01 -4.30 -34.30
N ILE A 272 0.47 -3.97 -35.48
CA ILE A 272 -0.35 -4.10 -36.68
C ILE A 272 0.49 -4.79 -37.76
N GLU A 273 -0.12 -5.75 -38.45
CA GLU A 273 0.54 -6.44 -39.55
C GLU A 273 -0.30 -6.20 -40.79
N LEU A 274 0.28 -5.55 -41.79
CA LEU A 274 -0.45 -5.26 -43.01
C LEU A 274 -0.37 -6.47 -43.92
N ARG A 275 -1.51 -6.92 -44.40
CA ARG A 275 -1.55 -7.90 -45.45
C ARG A 275 -2.17 -7.24 -46.66
N VAL A 276 -2.27 -7.98 -47.76
CA VAL A 276 -2.69 -7.36 -49.00
C VAL A 276 -4.08 -6.77 -48.84
N ASP A 277 -5.01 -7.54 -48.27
CA ASP A 277 -6.39 -7.11 -48.18
C ASP A 277 -6.94 -7.11 -46.75
N ASP A 278 -6.11 -7.03 -45.73
CA ASP A 278 -6.56 -6.88 -44.34
C ASP A 278 -5.37 -6.55 -43.47
N ALA A 279 -5.64 -6.42 -42.17
CA ALA A 279 -4.55 -6.20 -41.25
C ALA A 279 -4.81 -7.06 -40.03
N VAL A 280 -3.72 -7.46 -39.39
CA VAL A 280 -3.78 -8.27 -38.18
C VAL A 280 -3.34 -7.38 -37.04
N CYS A 281 -4.14 -7.38 -35.98
CA CYS A 281 -3.96 -6.55 -34.79
C CYS A 281 -3.40 -7.39 -33.65
N PHE A 282 -2.41 -6.86 -32.95
CA PHE A 282 -1.80 -7.54 -31.81
C PHE A 282 -1.89 -6.63 -30.60
N SER A 283 -2.44 -7.13 -29.51
CA SER A 283 -2.50 -6.37 -28.28
C SER A 283 -1.38 -6.81 -27.36
N LYS A 284 -0.56 -5.86 -26.94
CA LYS A 284 0.39 -6.06 -25.87
C LYS A 284 -0.01 -5.31 -24.62
N LEU A 285 -1.29 -4.95 -24.51
CA LEU A 285 -1.78 -4.15 -23.41
C LEU A 285 -1.83 -4.96 -22.12
N THR A 286 -1.66 -4.26 -21.00
CA THR A 286 -1.81 -4.84 -19.67
C THR A 286 -3.19 -4.45 -19.15
N SER A 287 -3.96 -5.43 -18.74
CA SER A 287 -5.30 -5.15 -18.22
C SER A 287 -5.22 -4.45 -16.86
N VAL A 288 -5.68 -3.19 -16.81
CA VAL A 288 -5.72 -2.48 -15.53
C VAL A 288 -6.67 -3.17 -14.58
N GLU A 289 -7.85 -3.54 -15.09
CA GLU A 289 -8.86 -4.24 -14.30
C GLU A 289 -8.28 -5.47 -13.63
N ALA A 290 -7.49 -6.26 -14.35
CA ALA A 290 -6.96 -7.49 -13.76
C ALA A 290 -6.00 -7.18 -12.62
N VAL A 291 -5.22 -6.12 -12.75
CA VAL A 291 -4.29 -5.75 -11.67
C VAL A 291 -5.08 -5.30 -10.44
N ALA A 292 -6.09 -4.45 -10.63
CA ALA A 292 -6.87 -3.96 -9.49
C ALA A 292 -7.65 -5.08 -8.83
N ASN A 293 -8.20 -6.00 -9.62
CA ASN A 293 -8.84 -7.19 -9.07
C ASN A 293 -7.89 -7.93 -8.13
N PHE A 294 -6.69 -8.21 -8.62
CA PHE A 294 -5.71 -8.97 -7.85
C PHE A 294 -5.18 -8.19 -6.66
N SER A 295 -5.37 -6.88 -6.61
CA SER A 295 -4.67 -6.04 -5.65
C SER A 295 -5.62 -5.30 -4.72
N LYS A 296 -6.82 -5.84 -4.54
CA LYS A 296 -7.84 -5.20 -3.72
C LYS A 296 -7.37 -5.08 -2.28
N ILE A 297 -7.79 -3.99 -1.65
CA ILE A 297 -7.67 -3.67 -0.23
C ILE A 297 -8.84 -4.33 0.52
N PRO A 298 -8.66 -4.87 1.73
CA PRO A 298 -7.44 -5.04 2.54
C PRO A 298 -6.53 -6.08 1.90
N ALA A 299 -5.23 -5.85 1.96
CA ALA A 299 -4.26 -6.80 1.42
C ALA A 299 -3.06 -6.86 2.36
N ILE A 300 -2.49 -8.04 2.49
CA ILE A 300 -1.23 -8.20 3.20
C ILE A 300 -0.13 -8.23 2.15
N ILE A 301 0.81 -7.31 2.24
CA ILE A 301 1.94 -7.28 1.34
C ILE A 301 3.20 -7.30 2.19
N SER A 302 3.85 -8.47 2.26
CA SER A 302 5.17 -8.60 2.86
C SER A 302 5.24 -7.89 4.21
N GLY A 303 4.52 -8.41 5.19
CA GLY A 303 4.64 -7.95 6.55
C GLY A 303 3.81 -6.75 6.96
N VAL A 304 3.06 -6.15 6.03
CA VAL A 304 2.25 -4.96 6.29
C VAL A 304 0.84 -5.21 5.79
N ARG A 305 -0.14 -4.95 6.63
CA ARG A 305 -1.53 -5.04 6.20
C ARG A 305 -2.00 -3.67 5.74
N PHE A 306 -2.46 -3.57 4.50
CA PHE A 306 -2.96 -2.29 4.00
C PHE A 306 -4.48 -2.28 4.01
N ASP A 307 -5.05 -1.21 4.54
CA ASP A 307 -6.49 -1.08 4.67
C ASP A 307 -6.93 0.34 4.38
N GLN A 308 -8.23 0.51 4.17
CA GLN A 308 -8.83 1.79 3.83
C GLN A 308 -9.48 2.41 5.06
N GLY A 309 -9.39 3.73 5.17
CA GLY A 309 -10.07 4.46 6.24
C GLY A 309 -11.57 4.21 6.34
N SER A 314 -11.21 6.98 2.16
CA SER A 314 -10.72 6.76 0.82
C SER A 314 -9.20 6.91 0.72
N ARG A 315 -8.54 6.91 1.87
CA ARG A 315 -7.09 6.89 1.97
C ARG A 315 -6.66 5.51 2.46
N ILE A 316 -5.45 5.11 2.08
CA ILE A 316 -4.94 3.79 2.41
C ILE A 316 -3.84 3.94 3.47
N TYR A 317 -3.89 3.09 4.49
CA TYR A 317 -2.85 3.04 5.50
C TYR A 317 -2.35 1.61 5.66
N GLY A 318 -1.08 1.48 6.06
CA GLY A 318 -0.46 0.19 6.30
C GLY A 318 -0.14 0.00 7.77
N SER A 319 -0.43 -1.21 8.27
CA SER A 319 -0.13 -1.62 9.66
C SER A 319 0.92 -2.71 9.64
N PRO A 320 2.13 -2.46 10.13
CA PRO A 320 3.11 -3.53 10.27
C PRO A 320 2.54 -4.68 11.07
N LEU A 321 2.66 -5.89 10.52
CA LEU A 321 2.10 -7.04 11.23
C LEU A 321 2.98 -7.47 12.39
N ASP A 322 4.29 -7.37 12.26
CA ASP A 322 5.18 -7.64 13.39
C ASP A 322 5.18 -6.40 14.26
N ILE A 323 4.44 -6.46 15.37
CA ILE A 323 4.24 -5.24 16.13
C ILE A 323 5.46 -4.83 16.92
N THR A 324 6.47 -5.69 17.03
CA THR A 324 7.68 -5.20 17.64
C THR A 324 8.57 -4.43 16.68
N LYS A 325 8.18 -4.26 15.42
CA LYS A 325 8.98 -3.50 14.46
C LYS A 325 8.57 -2.02 14.36
N VAL A 326 7.63 -1.55 15.18
CA VAL A 326 7.28 -0.14 15.29
C VAL A 326 7.11 0.18 16.77
N SER A 327 7.45 1.43 17.12
CA SER A 327 7.33 1.84 18.53
C SER A 327 7.11 3.34 18.63
N GLY A 328 6.46 3.76 19.72
CA GLY A 328 6.40 5.17 20.03
C GLY A 328 7.11 5.52 21.32
N GLU A 329 7.50 6.78 21.49
CA GLU A 329 8.23 7.21 22.67
C GLU A 329 7.46 8.33 23.39
N PHE A 330 7.35 8.22 24.71
CA PHE A 330 6.64 9.22 25.51
C PHE A 330 7.53 9.76 26.62
N SER A 331 7.23 10.98 27.04
CA SER A 331 7.74 11.54 28.28
C SER A 331 6.57 12.09 29.09
N VAL A 332 6.56 11.81 30.39
CA VAL A 332 5.51 12.26 31.30
C VAL A 332 6.14 13.15 32.37
N SER A 333 5.64 14.36 32.54
CA SER A 333 6.09 15.19 33.64
C SER A 333 5.04 15.24 34.72
N PHE A 334 5.49 15.28 35.98
CA PHE A 334 4.58 15.31 37.11
C PHE A 334 5.18 16.25 38.15
N ARG A 335 4.35 17.11 38.68
CA ARG A 335 4.73 18.26 39.49
C ARG A 335 4.20 18.00 40.88
N GLY A 336 5.09 18.00 41.88
CA GLY A 336 4.61 17.87 43.25
C GLY A 336 3.92 16.56 43.55
N MET A 337 4.44 15.46 43.02
CA MET A 337 3.82 14.16 43.18
C MET A 337 4.92 13.11 43.14
N ARG A 338 4.64 11.97 43.77
CA ARG A 338 5.48 10.78 43.66
C ARG A 338 4.83 9.82 42.67
N LEU A 339 5.68 9.07 41.99
CA LEU A 339 5.25 8.11 40.99
C LEU A 339 5.52 6.70 41.47
N LYS A 340 4.56 5.82 41.23
CA LYS A 340 4.75 4.39 41.42
C LYS A 340 4.29 3.70 40.13
N LEU A 341 5.05 2.68 39.71
CA LEU A 341 4.73 1.93 38.49
C LEU A 341 4.05 0.62 38.86
N SER A 342 2.95 0.29 38.18
CA SER A 342 2.34 -1.02 38.30
C SER A 342 2.80 -1.88 37.13
N GLU A 343 3.49 -2.98 37.44
CA GLU A 343 4.12 -3.80 36.43
C GLU A 343 3.91 -5.27 36.82
N ILE A 344 3.40 -6.06 35.88
CA ILE A 344 3.12 -7.47 36.15
C ILE A 344 3.57 -8.29 34.94
N SER A 345 4.13 -9.47 35.20
CA SER A 345 4.46 -10.37 34.10
C SER A 345 3.23 -11.19 33.71
N ALA A 346 3.27 -11.72 32.49
CA ALA A 346 2.19 -12.53 31.96
C ALA A 346 2.50 -14.01 32.08
N SER A 347 1.51 -14.81 32.49
CA SER A 347 1.55 -16.26 32.33
C SER A 347 0.90 -16.60 30.99
N CYS A 348 1.65 -17.29 30.13
CA CYS A 348 1.20 -17.51 28.76
C CYS A 348 1.89 -18.73 28.16
N THR A 349 1.09 -19.65 27.60
CA THR A 349 1.57 -20.86 26.94
C THR A 349 0.75 -21.06 25.67
N GLY A 350 1.25 -21.92 24.79
CA GLY A 350 0.48 -22.12 23.57
C GLY A 350 1.03 -23.26 22.74
N GLU A 351 0.35 -23.51 21.63
CA GLU A 351 0.75 -24.53 20.67
C GLU A 351 0.27 -24.14 19.29
N ILE A 352 1.05 -24.53 18.29
CA ILE A 352 0.66 -24.33 16.90
C ILE A 352 -0.34 -25.42 16.51
N THR A 353 -1.42 -25.01 15.86
CA THR A 353 -2.48 -25.92 15.46
C THR A 353 -2.59 -26.09 13.96
N ASN A 354 -1.90 -25.25 13.18
CA ASN A 354 -1.98 -25.35 11.73
C ASN A 354 -0.93 -24.42 11.16
N VAL A 355 -0.42 -24.78 9.98
CA VAL A 355 0.17 -23.82 9.07
C VAL A 355 -0.37 -24.13 7.69
N SER A 356 -0.85 -23.12 6.99
CA SER A 356 -1.48 -23.38 5.71
C SER A 356 -1.25 -22.18 4.80
N GLY A 357 -1.28 -22.43 3.48
CA GLY A 357 -1.23 -21.35 2.53
C GLY A 357 -0.20 -21.49 1.42
N CYS A 358 0.43 -20.38 1.06
CA CYS A 358 1.41 -20.31 -0.02
C CYS A 358 2.81 -20.16 0.56
N TYR A 359 3.81 -20.54 -0.24
CA TYR A 359 5.20 -20.21 0.01
C TYR A 359 5.70 -19.29 -1.08
N SER A 360 6.85 -18.67 -0.83
CA SER A 360 7.45 -17.69 -1.73
C SER A 360 6.38 -16.78 -2.35
N CYS A 361 5.54 -16.22 -1.49
CA CYS A 361 4.43 -15.37 -1.89
C CYS A 361 4.36 -14.15 -0.98
N MET A 362 3.83 -13.04 -1.51
CA MET A 362 3.83 -11.80 -0.75
C MET A 362 2.89 -11.87 0.46
N THR A 363 1.83 -12.67 0.38
CA THR A 363 0.91 -12.83 1.51
C THR A 363 1.59 -13.49 2.69
N GLY A 364 2.48 -14.45 2.44
CA GLY A 364 2.98 -15.34 3.46
C GLY A 364 1.93 -16.36 3.88
N ALA A 365 2.42 -17.45 4.49
CA ALA A 365 1.55 -18.49 5.00
C ALA A 365 0.86 -18.03 6.28
N SER A 366 -0.23 -18.73 6.64
CA SER A 366 -0.95 -18.50 7.90
C SER A 366 -0.49 -19.53 8.92
N VAL A 367 0.01 -19.06 10.06
CA VAL A 367 0.36 -19.94 11.18
C VAL A 367 -0.71 -19.79 12.26
N SER A 368 -1.39 -20.88 12.58
CA SER A 368 -2.42 -20.86 13.61
C SER A 368 -1.83 -21.27 14.95
N ILE A 369 -2.06 -20.42 15.94
CA ILE A 369 -1.42 -20.51 17.23
C ILE A 369 -2.50 -20.29 18.29
N LYS A 370 -2.75 -21.32 19.09
CA LYS A 370 -3.66 -21.20 20.21
C LYS A 370 -2.83 -20.87 21.43
N LEU A 371 -3.15 -19.76 22.09
CA LEU A 371 -2.44 -19.34 23.28
C LEU A 371 -3.44 -19.11 24.39
N HIS A 372 -3.01 -19.41 25.60
CA HIS A 372 -3.69 -19.02 26.82
C HIS A 372 -2.79 -18.03 27.53
N SER A 373 -3.36 -16.91 27.95
CA SER A 373 -2.56 -15.88 28.59
C SER A 373 -3.36 -15.23 29.70
N SER A 374 -2.68 -15.00 30.82
CA SER A 374 -3.26 -14.38 32.01
C SER A 374 -3.51 -12.90 31.84
N LYS A 375 -2.94 -12.26 30.83
CA LYS A 375 -3.16 -10.85 30.58
C LYS A 375 -2.82 -10.55 29.14
N ASN A 376 -3.22 -9.36 28.68
CA ASN A 376 -2.84 -8.89 27.36
C ASN A 376 -1.32 -8.73 27.31
N THR A 377 -0.70 -9.21 26.25
CA THR A 377 0.76 -9.30 26.17
C THR A 377 1.11 -9.44 24.69
N THR A 378 2.37 -9.72 24.40
CA THR A 378 2.87 -9.83 23.04
C THR A 378 3.41 -11.25 22.85
N GLY A 379 2.96 -11.91 21.80
CA GLY A 379 3.48 -13.21 21.42
C GLY A 379 4.53 -13.01 20.34
N HIS A 380 5.62 -13.75 20.46
CA HIS A 380 6.70 -13.72 19.49
C HIS A 380 6.95 -15.13 18.98
N LEU A 381 7.16 -15.25 17.68
CA LEU A 381 7.40 -16.54 17.05
C LEU A 381 8.57 -16.36 16.11
N LYS A 382 9.69 -16.98 16.44
CA LYS A 382 10.88 -16.96 15.61
C LYS A 382 11.08 -18.33 15.00
N CYS A 383 11.06 -18.38 13.68
CA CYS A 383 11.36 -19.59 12.98
C CYS A 383 12.60 -19.35 12.14
N ASP A 384 13.03 -20.41 11.48
CA ASP A 384 14.24 -20.32 10.70
C ASP A 384 13.98 -19.56 9.41
N SER A 385 12.77 -19.65 8.88
CA SER A 385 12.43 -18.93 7.66
C SER A 385 12.05 -17.46 7.91
N ASP A 386 11.35 -17.20 9.01
CA ASP A 386 10.79 -15.88 9.24
C ASP A 386 10.53 -15.75 10.73
N GLU A 387 10.09 -14.58 11.14
CA GLU A 387 9.90 -14.27 12.54
C GLU A 387 8.87 -13.16 12.63
N THR A 388 8.03 -13.20 13.66
CA THR A 388 6.99 -12.20 13.78
C THR A 388 6.58 -12.09 15.25
N ALA A 389 5.76 -11.08 15.53
CA ALA A 389 5.20 -10.86 16.85
C ALA A 389 3.80 -10.26 16.69
N PHE A 390 2.92 -10.54 17.65
CA PHE A 390 1.54 -10.11 17.56
C PHE A 390 0.99 -9.89 18.96
N SER A 391 -0.05 -9.09 19.05
CA SER A 391 -0.72 -8.85 20.32
C SER A 391 -1.57 -10.07 20.73
N VAL A 392 -1.58 -10.35 22.03
CA VAL A 392 -2.28 -11.49 22.59
C VAL A 392 -3.24 -10.98 23.65
N MET A 393 -4.46 -11.52 23.67
CA MET A 393 -5.47 -11.14 24.65
C MET A 393 -5.52 -12.16 25.79
N GLU A 394 -5.85 -11.67 26.98
CA GLU A 394 -6.05 -12.55 28.13
C GLU A 394 -7.09 -13.60 27.80
N GLY A 395 -6.91 -14.77 28.38
CA GLY A 395 -7.77 -15.89 28.10
C GLY A 395 -7.16 -16.79 27.05
N THR A 396 -7.99 -17.65 26.50
CA THR A 396 -7.56 -18.62 25.49
C THR A 396 -8.14 -18.21 24.15
N HIS A 397 -7.27 -18.06 23.15
CA HIS A 397 -7.67 -17.58 21.83
C HIS A 397 -6.71 -18.14 20.80
N THR A 398 -7.16 -18.15 19.55
CA THR A 398 -6.35 -18.59 18.44
C THR A 398 -5.94 -17.39 17.59
N TYR A 399 -4.67 -17.31 17.25
CA TYR A 399 -4.14 -16.23 16.43
C TYR A 399 -3.58 -16.79 15.13
N ARG A 400 -3.63 -15.97 14.07
CA ARG A 400 -3.23 -16.41 12.73
C ARG A 400 -2.27 -15.41 12.08
N PRO A 401 -1.11 -15.18 12.69
CA PRO A 401 -0.12 -14.32 12.06
C PRO A 401 0.38 -14.96 10.78
N HIS A 402 0.81 -14.11 9.85
CA HIS A 402 1.38 -14.59 8.61
C HIS A 402 2.89 -14.69 8.73
N MET A 403 3.46 -15.73 8.13
CA MET A 403 4.92 -15.89 8.10
C MET A 403 5.34 -16.44 6.75
N SER A 404 6.55 -16.07 6.33
CA SER A 404 7.05 -16.37 4.99
C SER A 404 7.95 -17.60 5.02
N PHE A 405 7.65 -18.57 4.17
CA PHE A 405 8.47 -19.75 4.00
C PHE A 405 8.85 -19.83 2.53
N ASP A 406 9.89 -20.63 2.24
CA ASP A 406 10.48 -20.67 0.91
C ASP A 406 10.23 -21.97 0.18
N LYS A 407 9.58 -22.94 0.80
CA LYS A 407 9.46 -24.28 0.24
C LYS A 407 8.10 -24.86 0.60
N ALA A 408 7.65 -25.82 -0.20
CA ALA A 408 6.32 -26.40 -0.01
C ALA A 408 6.23 -27.16 1.30
N VAL A 409 7.32 -27.78 1.74
CA VAL A 409 7.34 -28.60 2.94
C VAL A 409 7.82 -27.74 4.11
N VAL A 410 6.96 -27.56 5.10
CA VAL A 410 7.31 -26.87 6.34
C VAL A 410 7.59 -27.92 7.39
N ASP A 411 8.78 -27.87 7.99
CA ASP A 411 9.18 -28.88 8.96
C ASP A 411 10.41 -28.31 9.68
N GLU A 412 10.16 -27.51 10.72
CA GLU A 412 11.26 -26.76 11.27
C GLU A 412 11.02 -26.44 12.74
N GLU A 413 12.12 -26.11 13.41
CA GLU A 413 12.10 -25.62 14.78
C GLU A 413 11.67 -24.16 14.80
N CYS A 414 10.74 -23.83 15.70
CA CYS A 414 10.36 -22.47 16.02
C CYS A 414 10.38 -22.28 17.52
N VAL A 415 10.64 -21.05 17.95
CA VAL A 415 10.63 -20.69 19.36
C VAL A 415 9.50 -19.70 19.59
N LEU A 416 8.63 -20.01 20.53
CA LEU A 416 7.53 -19.13 20.89
C LEU A 416 7.87 -18.48 22.22
N ASN A 417 7.82 -17.14 22.23
CA ASN A 417 8.04 -16.38 23.45
C ASN A 417 6.79 -15.56 23.72
N CYS A 418 6.13 -15.85 24.83
CA CYS A 418 4.91 -15.15 25.21
C CYS A 418 5.05 -14.62 26.64
N GLY A 419 5.20 -13.31 26.78
CA GLY A 419 5.41 -12.75 28.10
C GLY A 419 6.63 -13.27 28.84
N GLY A 420 7.73 -13.51 28.12
CA GLY A 420 8.94 -14.00 28.73
C GLY A 420 9.03 -15.51 28.89
N HIS A 421 8.00 -16.26 28.53
CA HIS A 421 8.06 -17.70 28.65
C HIS A 421 8.33 -18.29 27.27
N SER A 422 9.37 -19.13 27.19
CA SER A 422 9.89 -19.61 25.92
C SER A 422 9.69 -21.12 25.77
N SER A 423 9.33 -21.55 24.57
CA SER A 423 9.10 -22.95 24.26
C SER A 423 9.43 -23.20 22.80
N LYS A 424 9.95 -24.39 22.51
CA LYS A 424 10.41 -24.71 21.15
C LYS A 424 9.33 -25.54 20.44
N LEU A 425 8.48 -24.88 19.67
CA LEU A 425 7.36 -25.50 18.94
C LEU A 425 7.83 -26.07 17.60
N LEU A 426 7.05 -27.01 17.08
CA LEU A 426 7.31 -27.60 15.76
C LEU A 426 6.28 -27.09 14.76
N LEU A 427 6.78 -26.60 13.64
CA LEU A 427 5.96 -26.14 12.55
C LEU A 427 6.07 -27.17 11.43
N LYS A 428 4.95 -27.79 11.09
CA LYS A 428 4.86 -28.74 10.00
C LYS A 428 3.59 -28.47 9.23
N GLY A 429 3.67 -28.51 7.91
CA GLY A 429 2.52 -28.25 7.07
C GLY A 429 2.93 -28.27 5.63
N SER A 430 1.97 -27.97 4.77
CA SER A 430 2.22 -27.99 3.34
C SER A 430 1.62 -26.75 2.70
N LEU A 431 2.37 -26.15 1.78
CA LEU A 431 1.99 -24.91 1.15
C LEU A 431 2.13 -25.04 -0.36
N VAL A 432 1.41 -24.17 -1.08
CA VAL A 432 1.36 -24.18 -2.54
C VAL A 432 2.18 -23.01 -3.09
N PHE A 433 2.55 -23.11 -4.35
CA PHE A 433 3.05 -21.95 -5.09
C PHE A 433 1.86 -21.21 -5.71
N MET A 434 1.87 -19.88 -5.59
CA MET A 434 0.72 -19.06 -5.97
C MET A 434 -0.57 -19.49 -5.27
C1 NAG B . -7.09 -6.54 25.88
C2 NAG B . -7.52 -5.26 26.57
C3 NAG B . -8.94 -4.89 26.17
C4 NAG B . -9.17 -4.94 24.67
C5 NAG B . -8.52 -6.14 23.98
C6 NAG B . -8.31 -5.82 22.54
C7 NAG B . -6.85 -4.47 28.78
C8 NAG B . -6.84 -4.74 30.26
N2 NAG B . -7.42 -5.40 28.01
O3 NAG B . -9.09 -3.50 26.47
O4 NAG B . -10.58 -4.94 24.47
O5 NAG B . -7.21 -6.40 24.50
O6 NAG B . -8.14 -6.96 21.73
O7 NAG B . -6.38 -3.44 28.31
C1 FUC B . -9.64 -3.14 27.73
C2 FUC B . -9.53 -1.63 27.64
C3 FUC B . -10.56 -1.11 26.64
C4 FUC B . -11.96 -1.63 27.03
C5 FUC B . -11.95 -3.17 27.06
C6 FUC B . -13.26 -3.80 27.53
O2 FUC B . -8.24 -1.20 27.23
O3 FUC B . -10.55 0.32 26.65
O4 FUC B . -12.29 -1.14 28.32
O5 FUC B . -10.92 -3.65 27.96
C1 NAG B . -11.11 -4.33 23.27
C2 NAG B . -12.61 -4.61 23.32
C3 NAG B . -13.30 -4.10 22.06
C4 NAG B . -12.95 -2.64 21.82
C5 NAG B . -11.43 -2.41 21.90
C6 NAG B . -11.06 -0.94 21.85
C7 NAG B . -12.66 -7.12 22.94
C8 NAG B . -11.90 -6.97 21.64
N2 NAG B . -12.94 -6.00 23.63
O3 NAG B . -14.72 -4.24 22.18
O4 NAG B . -13.44 -2.24 20.53
O5 NAG B . -10.89 -2.93 23.12
O6 NAG B . -10.23 -0.66 20.74
O7 NAG B . -13.01 -8.22 23.35
C1 FUC B . -7.98 -6.58 20.34
C2 FUC B . -7.35 -5.11 19.97
C3 FUC B . -5.82 -5.01 20.19
C4 FUC B . -5.12 -6.35 19.87
C5 FUC B . -5.88 -7.46 20.55
C6 FUC B . -5.21 -8.82 20.47
O2 FUC B . -8.03 -3.93 20.46
O3 FUC B . -5.26 -4.00 19.34
O4 FUC B . -5.17 -6.57 18.48
O5 FUC B . -7.15 -7.57 19.92
#